data_5O9R
#
_entry.id   5O9R
#
_cell.length_a   50.200
_cell.length_b   71.200
_cell.length_c   150.440
_cell.angle_alpha   90.00
_cell.angle_beta   90.00
_cell.angle_gamma   90.00
#
_symmetry.space_group_name_H-M   'P 21 21 21'
#
loop_
_entity.id
_entity.type
_entity.pdbx_description
1 polymer '1,3-beta-glucanosyltransferase GAS2'
2 branched beta-D-glucopyranose-(1-3)-beta-D-glucopyranose-(1-3)-beta-D-glucopyranose
3 non-polymer (2~{R},3~{S},4~{S},5~{R},6~{S})-2-(hydroxymethyl)-6-[(2~{R},3~{R},4~{S},5~{R},6~{S})-2-(hydroxymethyl)-6-[(2~{R},3~{R},4~{S},5~{R},6~{R})-2-(hydroxymethyl)-3,5-bis(oxidanyl)-6-[4-(thiophen-2-ylmethoxymethyl)-1,2,3-triazol-1-yl]oxan-4-yl]oxy-3,5-bis(oxidanyl)oxan-4-yl]oxy-oxane-3,4,5-triol
4 non-polymer 1,2-ETHANEDIOL
5 non-polymer 'SULFATE ION'
6 water water
#
_entity_poly.entity_id   1
_entity_poly.type   'polypeptide(L)'
_entity_poly.pdbx_seq_one_letter_code
;MNKKQNFYAAIIVAIFLCLQLSHGSSGVSFEKTPAIKIVGNKFFDSESGEQFFIKGIAYQLQRSEEELSNANGAFETSYI
DALADPKICLRDIPFLKMLGVNTLRVYAIDPTKSHDICMEALSAEGMYVLLDLSEPDISINRENPSWDVHIFERYKSVID
AMSSFPNLLGYFAGNEVTNDHTNTFASPFVKAAIRDAKEYISHSNHRKIPVGYSTNDDAMTRDNLARYFVCGDVKADFYG
INMYEWCGYSTYGTSGYRERTKEFEGYPIPVFFSEFGCNLVRPRPFTEVSALYGNKMSSVWSGGLAYMYFEEENEYGVVK
INDNDGVDILPDFKNLKKEFAKADPKGITEEEYLTAKEPTEVESVECPHIAVGVWEANEKLPETPDRSKCACLDEILPCE
IVPFGAESGKYEEYFSYLCSKVDCSDILANGKTGEYGEFSDCSVEQKLSLQLSKLYCKIGANDRHCPLNDKNVYFNLESL
QPLTSESICKNVFDSIRNITYNHGDYSKSNPSRSKESLNVKYPSSEERENDGTIAFKTSGFVILLISMIAAGILL
;
_entity_poly.pdbx_strand_id   A
#
loop_
_chem_comp.id
_chem_comp.type
_chem_comp.name
_chem_comp.formula
9PK non-polymer (2~{R},3~{S},4~{S},5~{R},6~{S})-2-(hydroxymethyl)-6-[(2~{R},3~{R},4~{S},5~{R},6~{S})-2-(hydroxymethyl)-6-[(2~{R},3~{R},4~{S},5~{R},6~{R})-2-(hydroxymethyl)-3,5-bis(oxidanyl)-6-[4-(thiophen-2-ylmethoxymethyl)-1,2,3-triazol-1-yl]oxan-4-yl]oxy-3,5-bis(oxidanyl)oxan-4-yl]oxy-oxane-3,4,5-triol 'C26 H39 N3 O16 S'
BGC D-saccharide, beta linking beta-D-glucopyranose 'C6 H12 O6'
EDO non-polymer 1,2-ETHANEDIOL 'C2 H6 O2'
SO4 non-polymer 'SULFATE ION' 'O4 S -2'
#
# COMPACT_ATOMS: atom_id res chain seq x y z
N SER A 29 13.75 -4.85 -23.81
CA SER A 29 13.12 -6.21 -23.89
C SER A 29 12.69 -6.71 -22.51
N PHE A 30 11.43 -7.15 -22.42
CA PHE A 30 10.89 -7.75 -21.20
C PHE A 30 10.49 -9.22 -21.44
N GLU A 31 11.16 -9.89 -22.37
CA GLU A 31 10.83 -11.26 -22.79
C GLU A 31 10.82 -12.26 -21.63
N LYS A 32 11.74 -12.10 -20.69
CA LYS A 32 11.87 -13.03 -19.56
C LYS A 32 10.89 -12.76 -18.42
N THR A 33 10.12 -11.66 -18.50
CA THR A 33 9.02 -11.39 -17.57
C THR A 33 7.71 -11.07 -18.31
N PRO A 34 6.98 -12.11 -18.77
CA PRO A 34 5.63 -11.87 -19.26
C PRO A 34 4.73 -11.36 -18.14
N ALA A 35 3.77 -10.49 -18.48
CA ALA A 35 2.85 -9.95 -17.48
C ALA A 35 2.15 -11.08 -16.73
N ILE A 36 2.03 -10.93 -15.42
CA ILE A 36 1.25 -11.84 -14.58
C ILE A 36 -0.18 -11.30 -14.51
N LYS A 37 -1.15 -12.21 -14.63
CA LYS A 37 -2.57 -11.87 -14.52
C LYS A 37 -3.21 -12.68 -13.40
N ILE A 38 -4.37 -12.22 -12.94
CA ILE A 38 -5.14 -12.92 -11.91
C ILE A 38 -6.33 -13.62 -12.57
N VAL A 39 -6.51 -14.89 -12.23
CA VAL A 39 -7.73 -15.62 -12.53
C VAL A 39 -8.19 -16.27 -11.23
N GLY A 40 -9.41 -15.96 -10.80
CA GLY A 40 -9.93 -16.41 -9.51
C GLY A 40 -9.01 -16.00 -8.36
N ASN A 41 -8.61 -16.97 -7.55
CA ASN A 41 -7.72 -16.70 -6.40
C ASN A 41 -6.26 -17.11 -6.63
N LYS A 42 -5.81 -17.06 -7.89
CA LYS A 42 -4.45 -17.44 -8.26
C LYS A 42 -3.85 -16.47 -9.28
N PHE A 43 -2.52 -16.36 -9.28
CA PHE A 43 -1.75 -15.63 -10.29
C PHE A 43 -1.35 -16.58 -11.40
N PHE A 44 -1.32 -16.08 -12.65
CA PHE A 44 -0.88 -16.89 -13.79
C PHE A 44 0.01 -16.10 -14.75
N ASP A 45 1.02 -16.77 -15.30
CA ASP A 45 1.84 -16.22 -16.38
C ASP A 45 0.95 -16.09 -17.62
N SER A 46 0.84 -14.87 -18.15
CA SER A 46 -0.09 -14.59 -19.25
C SER A 46 0.27 -15.25 -20.59
N GLU A 47 1.53 -15.68 -20.75
CA GLU A 47 1.98 -16.37 -21.97
C GLU A 47 1.91 -17.89 -21.85
N SER A 48 2.48 -18.44 -20.79
CA SER A 48 2.61 -19.88 -20.60
C SER A 48 1.36 -20.52 -19.98
N GLY A 49 0.62 -19.75 -19.18
CA GLY A 49 -0.54 -20.28 -18.45
C GLY A 49 -0.20 -21.05 -17.18
N GLU A 50 1.07 -21.05 -16.77
CA GLU A 50 1.50 -21.72 -15.54
C GLU A 50 1.15 -20.82 -14.36
N GLN A 51 0.80 -21.41 -13.21
CA GLN A 51 0.56 -20.63 -12.00
C GLN A 51 1.86 -20.00 -11.53
N PHE A 52 1.77 -18.74 -11.13
CA PHE A 52 2.92 -17.96 -10.67
C PHE A 52 2.90 -17.95 -9.15
N PHE A 53 4.01 -18.37 -8.55
CA PHE A 53 4.21 -18.28 -7.10
C PHE A 53 5.28 -17.24 -6.81
N ILE A 54 5.02 -16.38 -5.82
CA ILE A 54 5.96 -15.33 -5.43
C ILE A 54 7.04 -15.96 -4.54
N LYS A 55 8.30 -15.83 -4.97
CA LYS A 55 9.47 -16.10 -4.14
C LYS A 55 10.19 -14.77 -4.05
N GLY A 56 9.94 -14.03 -2.99
CA GLY A 56 10.31 -12.62 -2.95
C GLY A 56 11.16 -12.17 -1.79
N ILE A 57 11.60 -10.92 -1.89
CA ILE A 57 12.26 -10.23 -0.79
C ILE A 57 11.93 -8.74 -0.84
N ALA A 58 11.77 -8.12 0.33
CA ALA A 58 11.59 -6.67 0.44
C ALA A 58 12.91 -5.97 0.10
N TYR A 59 12.82 -4.88 -0.67
CA TYR A 59 13.99 -4.17 -1.17
C TYR A 59 13.73 -2.65 -1.08
N GLN A 60 14.29 -2.03 -0.06
CA GLN A 60 14.01 -0.64 0.28
C GLN A 60 15.08 -0.14 1.24
N LEU A 61 15.75 0.92 0.81
CA LEU A 61 16.85 1.53 1.55
C LEU A 61 16.26 2.71 2.30
N GLN A 62 16.75 2.97 3.52
CA GLN A 62 16.34 4.14 4.30
C GLN A 62 17.57 4.96 4.69
N ARG A 63 17.33 6.22 5.03
CA ARG A 63 18.41 7.14 5.45
C ARG A 63 18.84 6.87 6.89
N SER A 64 20.05 7.31 7.23
CA SER A 64 20.65 7.03 8.54
C SER A 64 19.96 7.80 9.68
N SER A 78 13.35 12.21 2.08
CA SER A 78 12.76 11.38 3.12
C SER A 78 13.06 9.89 2.85
N TYR A 79 12.38 9.34 1.85
CA TYR A 79 12.62 7.95 1.39
C TYR A 79 13.74 7.96 0.35
N ILE A 80 14.38 6.80 0.17
CA ILE A 80 15.37 6.58 -0.89
C ILE A 80 14.77 5.65 -1.94
N ASP A 81 14.90 6.02 -3.21
CA ASP A 81 14.41 5.23 -4.33
C ASP A 81 15.57 4.51 -5.01
N ALA A 82 15.87 3.29 -4.56
CA ALA A 82 16.94 2.49 -5.16
C ALA A 82 16.69 2.11 -6.62
N LEU A 83 15.43 2.01 -7.04
CA LEU A 83 15.09 1.72 -8.44
C LEU A 83 15.27 2.92 -9.39
N ALA A 84 15.53 4.11 -8.84
CA ALA A 84 15.86 5.30 -9.63
C ALA A 84 17.37 5.54 -9.73
N ASP A 85 18.18 4.67 -9.14
CA ASP A 85 19.63 4.87 -9.10
C ASP A 85 20.32 3.58 -9.62
N PRO A 86 20.70 3.56 -10.91
CA PRO A 86 21.34 2.37 -11.49
C PRO A 86 22.54 1.82 -10.70
N LYS A 87 23.38 2.68 -10.12
CA LYS A 87 24.54 2.19 -9.37
C LYS A 87 24.15 1.34 -8.14
N ILE A 88 23.00 1.63 -7.55
CA ILE A 88 22.50 0.84 -6.43
C ILE A 88 21.85 -0.45 -6.92
N CYS A 89 20.83 -0.34 -7.77
CA CYS A 89 20.08 -1.52 -8.21
C CYS A 89 20.95 -2.53 -8.97
N LEU A 90 21.88 -2.05 -9.80
CA LEU A 90 22.76 -2.93 -10.55
C LEU A 90 23.84 -3.59 -9.68
N ARG A 91 24.17 -2.97 -8.54
CA ARG A 91 24.99 -3.63 -7.51
C ARG A 91 24.26 -4.82 -6.91
N ASP A 92 22.98 -4.64 -6.59
CA ASP A 92 22.23 -5.61 -5.80
C ASP A 92 21.59 -6.75 -6.60
N ILE A 93 21.23 -6.51 -7.86
CA ILE A 93 20.55 -7.54 -8.67
C ILE A 93 21.32 -8.88 -8.74
N PRO A 94 22.66 -8.85 -8.92
CA PRO A 94 23.42 -10.09 -8.87
C PRO A 94 23.27 -10.88 -7.56
N PHE A 95 23.16 -10.20 -6.43
CA PHE A 95 22.93 -10.84 -5.13
C PHE A 95 21.50 -11.34 -5.01
N LEU A 96 20.55 -10.56 -5.53
CA LEU A 96 19.15 -10.98 -5.59
C LEU A 96 18.99 -12.24 -6.46
N LYS A 97 19.76 -12.32 -7.56
CA LYS A 97 19.79 -13.52 -8.41
C LYS A 97 20.31 -14.75 -7.65
N MET A 98 21.40 -14.56 -6.88
CA MET A 98 21.94 -15.65 -6.03
C MET A 98 20.91 -16.18 -5.03
N LEU A 99 20.15 -15.27 -4.41
CA LEU A 99 19.05 -15.67 -3.50
C LEU A 99 17.97 -16.50 -4.18
N GLY A 100 17.77 -16.28 -5.48
CA GLY A 100 16.80 -17.02 -6.27
C GLY A 100 15.40 -16.44 -6.20
N VAL A 101 15.30 -15.13 -5.99
CA VAL A 101 13.98 -14.46 -5.92
C VAL A 101 13.46 -14.15 -7.32
N ASN A 102 12.14 -14.17 -7.46
CA ASN A 102 11.47 -13.69 -8.68
C ASN A 102 10.63 -12.42 -8.46
N THR A 103 10.62 -11.90 -7.22
CA THR A 103 9.79 -10.72 -6.89
C THR A 103 10.47 -9.87 -5.82
N LEU A 104 10.36 -8.55 -5.96
CA LEU A 104 10.75 -7.61 -4.93
C LEU A 104 9.51 -6.88 -4.43
N ARG A 105 9.46 -6.58 -3.13
CA ARG A 105 8.51 -5.58 -2.63
C ARG A 105 9.25 -4.28 -2.40
N VAL A 106 8.75 -3.22 -3.01
CA VAL A 106 9.28 -1.87 -2.88
C VAL A 106 8.18 -1.02 -2.24
N TYR A 107 8.54 -0.30 -1.17
CA TYR A 107 7.57 0.46 -0.37
C TYR A 107 7.42 1.91 -0.83
N ALA A 108 8.42 2.46 -1.53
CA ALA A 108 8.35 3.85 -1.97
C ALA A 108 9.25 4.11 -3.18
N ILE A 109 8.67 4.72 -4.21
CA ILE A 109 9.45 5.28 -5.34
C ILE A 109 9.17 6.78 -5.47
N ASP A 110 10.09 7.47 -6.13
CA ASP A 110 9.95 8.88 -6.47
C ASP A 110 9.41 8.92 -7.91
N PRO A 111 8.13 9.31 -8.10
CA PRO A 111 7.55 9.26 -9.45
C PRO A 111 8.08 10.31 -10.44
N THR A 112 8.87 11.28 -9.97
CA THR A 112 9.48 12.27 -10.86
C THR A 112 10.75 11.76 -11.56
N LYS A 113 11.27 10.61 -11.12
CA LYS A 113 12.51 10.04 -11.67
C LYS A 113 12.26 8.84 -12.57
N SER A 114 13.22 8.58 -13.46
CA SER A 114 13.16 7.44 -14.36
C SER A 114 13.41 6.13 -13.61
N HIS A 115 12.73 5.06 -14.04
CA HIS A 115 12.95 3.71 -13.50
C HIS A 115 13.19 2.63 -14.54
N ASP A 116 13.34 2.99 -15.81
CA ASP A 116 13.42 1.96 -16.86
C ASP A 116 14.71 1.12 -16.81
N ILE A 117 15.84 1.72 -16.44
CA ILE A 117 17.11 0.97 -16.35
C ILE A 117 17.01 -0.16 -15.32
N CYS A 118 16.58 0.18 -14.10
CA CYS A 118 16.45 -0.83 -13.04
C CYS A 118 15.35 -1.85 -13.32
N MET A 119 14.21 -1.40 -13.83
CA MET A 119 13.10 -2.31 -14.15
C MET A 119 13.46 -3.27 -15.29
N GLU A 120 14.18 -2.77 -16.30
CA GLU A 120 14.68 -3.63 -17.38
C GLU A 120 15.75 -4.62 -16.88
N ALA A 121 16.64 -4.16 -16.00
CA ALA A 121 17.66 -5.03 -15.39
C ALA A 121 17.03 -6.14 -14.56
N LEU A 122 15.97 -5.81 -13.81
CA LEU A 122 15.21 -6.82 -13.06
C LEU A 122 14.53 -7.82 -13.99
N SER A 123 13.92 -7.32 -15.06
CA SER A 123 13.25 -8.16 -16.05
C SER A 123 14.21 -9.17 -16.67
N ALA A 124 15.43 -8.74 -16.99
CA ALA A 124 16.47 -9.62 -17.54
C ALA A 124 16.88 -10.77 -16.61
N GLU A 125 16.61 -10.64 -15.31
CA GLU A 125 16.79 -11.75 -14.36
C GLU A 125 15.48 -12.43 -13.93
N GLY A 126 14.39 -12.19 -14.66
CA GLY A 126 13.09 -12.77 -14.37
C GLY A 126 12.44 -12.25 -13.09
N MET A 127 12.74 -11.01 -12.70
CA MET A 127 12.24 -10.47 -11.44
C MET A 127 11.12 -9.45 -11.65
N TYR A 128 10.09 -9.56 -10.81
CA TYR A 128 8.91 -8.71 -10.81
C TYR A 128 8.94 -7.78 -9.59
N VAL A 129 8.08 -6.76 -9.59
CA VAL A 129 8.00 -5.79 -8.49
C VAL A 129 6.55 -5.62 -7.99
N LEU A 130 6.36 -5.80 -6.68
CA LEU A 130 5.15 -5.35 -5.98
C LEU A 130 5.47 -3.99 -5.37
N LEU A 131 4.60 -3.01 -5.58
CA LEU A 131 4.90 -1.62 -5.23
C LEU A 131 3.80 -0.95 -4.44
N ASP A 132 4.13 -0.41 -3.27
CA ASP A 132 3.18 0.43 -2.53
C ASP A 132 3.02 1.77 -3.25
N LEU A 133 1.80 2.30 -3.24
CA LEU A 133 1.49 3.59 -3.87
C LEU A 133 1.77 4.76 -2.95
N SER A 134 1.73 4.50 -1.64
CA SER A 134 1.92 5.52 -0.61
C SER A 134 3.40 5.71 -0.25
N GLU A 135 3.65 6.72 0.59
CA GLU A 135 4.97 6.95 1.17
C GLU A 135 4.75 7.55 2.57
N PRO A 136 5.77 7.52 3.45
CA PRO A 136 5.57 7.92 4.85
C PRO A 136 4.85 9.26 5.08
N ASP A 137 5.17 10.27 4.25
CA ASP A 137 4.55 11.61 4.36
C ASP A 137 3.23 11.78 3.59
N ILE A 138 2.92 10.87 2.67
CA ILE A 138 1.64 10.90 1.94
C ILE A 138 1.02 9.50 1.98
N SER A 139 0.28 9.24 3.05
CA SER A 139 -0.40 7.96 3.30
C SER A 139 -1.74 8.27 3.95
N ILE A 140 -2.64 7.30 3.95
CA ILE A 140 -3.86 7.41 4.74
C ILE A 140 -3.45 7.29 6.21
N ASN A 141 -3.68 8.37 6.97
CA ASN A 141 -3.27 8.44 8.37
C ASN A 141 -4.24 7.65 9.24
N ARG A 142 -3.76 6.56 9.84
CA ARG A 142 -4.65 5.71 10.64
C ARG A 142 -5.24 6.42 11.88
N GLU A 143 -4.55 7.45 12.38
CA GLU A 143 -5.01 8.25 13.53
C GLU A 143 -6.05 9.32 13.16
N ASN A 144 -6.03 9.76 11.90
CA ASN A 144 -6.96 10.77 11.39
C ASN A 144 -7.19 10.51 9.91
N PRO A 145 -7.99 9.47 9.60
CA PRO A 145 -8.04 9.02 8.21
C PRO A 145 -8.79 9.95 7.26
N SER A 146 -8.25 10.11 6.06
CA SER A 146 -8.84 10.89 5.01
C SER A 146 -8.55 10.16 3.69
N TRP A 147 -9.44 10.30 2.72
CA TRP A 147 -9.14 9.93 1.34
C TRP A 147 -9.40 11.19 0.50
N ASP A 148 -8.33 11.83 0.07
CA ASP A 148 -8.41 13.18 -0.46
C ASP A 148 -7.57 13.35 -1.72
N VAL A 149 -7.69 14.53 -2.32
CA VAL A 149 -6.99 14.85 -3.58
C VAL A 149 -5.47 14.78 -3.49
N HIS A 150 -4.90 15.08 -2.33
CA HIS A 150 -3.46 15.04 -2.13
C HIS A 150 -2.93 13.59 -2.17
N ILE A 151 -3.59 12.70 -1.45
CA ILE A 151 -3.17 11.29 -1.42
C ILE A 151 -3.47 10.63 -2.77
N PHE A 152 -4.61 10.96 -3.38
CA PHE A 152 -4.99 10.37 -4.66
C PHE A 152 -4.03 10.79 -5.77
N GLU A 153 -3.62 12.07 -5.77
CA GLU A 153 -2.63 12.53 -6.75
C GLU A 153 -1.28 11.80 -6.60
N ARG A 154 -0.85 11.53 -5.37
CA ARG A 154 0.34 10.68 -5.12
C ARG A 154 0.19 9.30 -5.78
N TYR A 155 -0.95 8.67 -5.56
CA TYR A 155 -1.22 7.33 -6.10
C TYR A 155 -1.22 7.37 -7.63
N LYS A 156 -1.88 8.36 -8.22
CA LYS A 156 -1.89 8.55 -9.68
C LYS A 156 -0.48 8.74 -10.25
N SER A 157 0.34 9.53 -9.55
CA SER A 157 1.70 9.79 -9.99
C SER A 157 2.54 8.52 -10.03
N VAL A 158 2.41 7.68 -9.00
CA VAL A 158 3.13 6.40 -8.97
C VAL A 158 2.63 5.48 -10.10
N ILE A 159 1.31 5.39 -10.27
CA ILE A 159 0.70 4.58 -11.34
C ILE A 159 1.21 5.01 -12.72
N ASP A 160 1.26 6.31 -12.96
CA ASP A 160 1.73 6.83 -14.25
C ASP A 160 3.23 6.67 -14.47
N ALA A 161 4.00 6.64 -13.38
CA ALA A 161 5.44 6.41 -13.46
C ALA A 161 5.82 4.94 -13.75
N MET A 162 5.01 3.99 -13.27
CA MET A 162 5.44 2.58 -13.21
C MET A 162 4.61 1.58 -14.02
N SER A 163 3.50 2.01 -14.64
CA SER A 163 2.58 1.05 -15.26
C SER A 163 3.02 0.54 -16.64
N SER A 164 4.01 1.21 -17.24
CA SER A 164 4.54 0.78 -18.56
C SER A 164 5.39 -0.50 -18.50
N PHE A 165 5.76 -0.97 -17.31
CA PHE A 165 6.65 -2.11 -17.15
C PHE A 165 5.85 -3.41 -16.99
N PRO A 166 6.02 -4.39 -17.91
CA PRO A 166 5.34 -5.68 -17.79
C PRO A 166 5.63 -6.45 -16.50
N ASN A 167 6.79 -6.21 -15.89
CA ASN A 167 7.17 -6.86 -14.64
C ASN A 167 6.71 -6.13 -13.36
N LEU A 168 5.82 -5.13 -13.50
CA LEU A 168 5.10 -4.57 -12.35
C LEU A 168 3.96 -5.54 -12.03
N LEU A 169 4.13 -6.32 -10.96
CA LEU A 169 3.18 -7.37 -10.58
C LEU A 169 1.86 -6.80 -10.07
N GLY A 170 1.96 -5.85 -9.16
CA GLY A 170 0.77 -5.24 -8.56
C GLY A 170 1.12 -4.06 -7.68
N TYR A 171 0.09 -3.29 -7.35
CA TYR A 171 0.20 -2.13 -6.47
C TYR A 171 -0.51 -2.39 -5.14
N PHE A 172 0.09 -1.94 -4.03
CA PHE A 172 -0.61 -1.90 -2.74
C PHE A 172 -1.21 -0.52 -2.55
N ALA A 173 -2.52 -0.46 -2.27
CA ALA A 173 -3.21 0.80 -1.96
C ALA A 173 -3.13 1.19 -0.48
N GLY A 174 -2.51 0.35 0.34
CA GLY A 174 -2.27 0.67 1.74
C GLY A 174 -1.45 -0.42 2.38
N ASN A 175 -0.84 -0.08 3.52
CA ASN A 175 -0.04 -1.02 4.30
C ASN A 175 -0.34 -0.84 5.79
N GLU A 176 -1.04 -1.80 6.38
CA GLU A 176 -1.33 -1.82 7.83
C GLU A 176 -1.93 -0.50 8.30
N VAL A 177 -2.98 -0.04 7.61
CA VAL A 177 -3.60 1.23 7.95
C VAL A 177 -4.36 0.99 9.26
N THR A 178 -5.46 0.25 9.21
CA THR A 178 -5.98 -0.38 10.41
C THR A 178 -4.94 -1.38 10.89
N ASN A 179 -4.52 -1.29 12.16
CA ASN A 179 -3.62 -2.31 12.74
C ASN A 179 -4.06 -2.91 14.07
N ASP A 180 -5.16 -2.42 14.64
CA ASP A 180 -5.76 -3.02 15.83
C ASP A 180 -7.22 -2.59 15.93
N HIS A 181 -7.90 -3.03 17.00
CA HIS A 181 -9.31 -2.74 17.18
C HIS A 181 -9.68 -1.26 17.44
N THR A 182 -8.69 -0.38 17.64
CA THR A 182 -8.92 1.04 17.91
C THR A 182 -8.97 1.92 16.65
N ASN A 183 -8.63 1.38 15.47
CA ASN A 183 -8.59 2.20 14.26
C ASN A 183 -9.15 1.48 13.02
N THR A 184 -10.17 0.66 13.25
CA THR A 184 -10.81 -0.10 12.17
C THR A 184 -11.58 0.82 11.21
N PHE A 185 -12.02 1.97 11.72
CA PHE A 185 -12.68 3.01 10.92
C PHE A 185 -11.80 3.67 9.84
N ALA A 186 -10.50 3.38 9.82
CA ALA A 186 -9.64 3.80 8.70
C ALA A 186 -9.86 2.96 7.43
N SER A 187 -10.37 1.73 7.57
CA SER A 187 -10.46 0.79 6.44
C SER A 187 -11.39 1.21 5.28
N PRO A 188 -12.52 1.91 5.56
CA PRO A 188 -13.32 2.41 4.41
C PRO A 188 -12.56 3.36 3.48
N PHE A 189 -11.62 4.12 4.05
CA PHE A 189 -10.80 5.05 3.27
C PHE A 189 -9.84 4.28 2.37
N VAL A 190 -9.29 3.18 2.87
CA VAL A 190 -8.42 2.31 2.08
C VAL A 190 -9.22 1.63 0.95
N LYS A 191 -10.42 1.14 1.26
CA LYS A 191 -11.29 0.56 0.21
C LYS A 191 -11.66 1.56 -0.87
N ALA A 192 -11.94 2.81 -0.50
CA ALA A 192 -12.13 3.88 -1.49
C ALA A 192 -10.89 4.06 -2.36
N ALA A 193 -9.71 4.01 -1.74
CA ALA A 193 -8.43 4.13 -2.47
C ALA A 193 -8.23 2.99 -3.47
N ILE A 194 -8.57 1.77 -3.05
CA ILE A 194 -8.53 0.60 -3.96
C ILE A 194 -9.45 0.81 -5.15
N ARG A 195 -10.70 1.19 -4.88
CA ARG A 195 -11.68 1.48 -5.92
C ARG A 195 -11.16 2.53 -6.91
N ASP A 196 -10.68 3.64 -6.38
CA ASP A 196 -10.30 4.78 -7.23
C ASP A 196 -8.99 4.53 -8.00
N ALA A 197 -8.04 3.83 -7.39
CA ALA A 197 -6.82 3.41 -8.10
C ALA A 197 -7.15 2.45 -9.26
N LYS A 198 -8.04 1.49 -9.00
CA LYS A 198 -8.48 0.55 -10.04
C LYS A 198 -9.21 1.26 -11.19
N GLU A 199 -10.07 2.22 -10.84
CA GLU A 199 -10.81 2.99 -11.84
C GLU A 199 -9.89 3.90 -12.66
N TYR A 200 -8.93 4.54 -11.99
CA TYR A 200 -7.94 5.37 -12.67
C TYR A 200 -7.15 4.51 -13.67
N ILE A 201 -6.69 3.35 -13.23
CA ILE A 201 -5.99 2.41 -14.12
C ILE A 201 -6.88 1.97 -15.27
N SER A 202 -8.15 1.67 -14.97
CA SER A 202 -9.12 1.23 -15.98
C SER A 202 -9.33 2.27 -17.08
N HIS A 203 -9.43 3.53 -16.69
CA HIS A 203 -9.65 4.65 -17.63
C HIS A 203 -8.37 5.13 -18.32
N SER A 204 -7.20 4.73 -17.82
CA SER A 204 -5.93 5.03 -18.48
C SER A 204 -5.70 4.09 -19.67
N ASN A 205 -4.67 4.39 -20.45
CA ASN A 205 -4.19 3.46 -21.51
C ASN A 205 -3.32 2.30 -21.01
N HIS A 206 -3.03 2.25 -19.70
CA HIS A 206 -2.10 1.26 -19.16
C HIS A 206 -2.67 -0.15 -19.12
N ARG A 207 -1.78 -1.14 -19.05
CA ARG A 207 -2.13 -2.50 -18.65
C ARG A 207 -2.87 -2.46 -17.32
N LYS A 208 -3.88 -3.31 -17.15
CA LYS A 208 -4.71 -3.26 -15.95
C LYS A 208 -4.03 -4.00 -14.80
N ILE A 209 -3.02 -3.33 -14.24
CA ILE A 209 -2.22 -3.86 -13.15
C ILE A 209 -3.13 -3.98 -11.93
N PRO A 210 -3.13 -5.15 -11.24
CA PRO A 210 -4.01 -5.30 -10.08
C PRO A 210 -3.61 -4.42 -8.89
N VAL A 211 -4.61 -4.05 -8.10
CA VAL A 211 -4.43 -3.20 -6.91
C VAL A 211 -4.94 -3.97 -5.70
N GLY A 212 -4.06 -4.16 -4.71
CA GLY A 212 -4.38 -4.91 -3.51
C GLY A 212 -4.06 -4.17 -2.22
N TYR A 213 -3.93 -4.94 -1.15
CA TYR A 213 -3.74 -4.40 0.19
C TYR A 213 -2.79 -5.30 0.98
N SER A 214 -1.98 -4.69 1.84
CA SER A 214 -1.08 -5.39 2.75
C SER A 214 -1.51 -5.11 4.18
N THR A 215 -1.73 -6.19 4.95
CA THR A 215 -2.26 -6.08 6.31
C THR A 215 -1.28 -6.68 7.33
N ASN A 216 -1.46 -6.33 8.59
CA ASN A 216 -0.69 -6.95 9.69
C ASN A 216 -1.37 -8.25 10.15
N ASP A 217 -1.09 -8.71 11.37
CA ASP A 217 -1.56 -10.02 11.84
C ASP A 217 -2.10 -9.96 13.28
N ASP A 218 -2.84 -8.89 13.58
CA ASP A 218 -3.46 -8.71 14.90
C ASP A 218 -4.62 -9.69 15.03
N ALA A 219 -4.63 -10.48 16.12
CA ALA A 219 -5.60 -11.56 16.28
C ALA A 219 -7.05 -11.07 16.34
N MET A 220 -7.28 -9.93 16.97
CA MET A 220 -8.65 -9.42 17.15
C MET A 220 -9.29 -8.91 15.85
N THR A 221 -8.47 -8.43 14.91
CA THR A 221 -8.96 -7.79 13.69
C THR A 221 -8.75 -8.55 12.37
N ARG A 222 -7.88 -9.55 12.36
CA ARG A 222 -7.46 -10.16 11.07
C ARG A 222 -8.58 -10.79 10.25
N ASP A 223 -9.51 -11.51 10.89
CA ASP A 223 -10.60 -12.14 10.14
C ASP A 223 -11.58 -11.11 9.55
N ASN A 224 -11.93 -10.11 10.35
CA ASN A 224 -12.79 -9.01 9.87
C ASN A 224 -12.14 -8.18 8.76
N LEU A 225 -10.84 -7.90 8.88
CA LEU A 225 -10.12 -7.18 7.83
C LEU A 225 -10.15 -7.96 6.51
N ALA A 226 -9.85 -9.25 6.57
CA ALA A 226 -9.83 -10.09 5.38
C ALA A 226 -11.20 -10.11 4.69
N ARG A 227 -12.27 -10.25 5.48
CA ARG A 227 -13.62 -10.23 4.92
C ARG A 227 -13.99 -8.85 4.37
N TYR A 228 -13.63 -7.79 5.11
CA TYR A 228 -13.96 -6.42 4.69
C TYR A 228 -13.40 -6.07 3.32
N PHE A 229 -12.16 -6.47 3.04
CA PHE A 229 -11.51 -6.13 1.76
C PHE A 229 -11.98 -6.94 0.54
N VAL A 230 -12.88 -7.91 0.76
CA VAL A 230 -13.58 -8.57 -0.35
C VAL A 230 -15.11 -8.45 -0.27
N CYS A 231 -15.64 -7.62 0.64
CA CYS A 231 -17.10 -7.49 0.81
C CYS A 231 -17.72 -6.39 -0.04
N GLY A 232 -19.03 -6.47 -0.25
CA GLY A 232 -19.77 -5.45 -0.98
C GLY A 232 -19.35 -5.33 -2.43
N ASP A 233 -19.42 -4.11 -2.97
CA ASP A 233 -19.19 -3.85 -4.39
C ASP A 233 -17.73 -3.54 -4.76
N VAL A 234 -16.89 -3.31 -3.77
CA VAL A 234 -15.48 -2.95 -3.98
C VAL A 234 -14.62 -4.03 -3.35
N LYS A 235 -13.67 -4.56 -4.12
CA LYS A 235 -12.79 -5.64 -3.64
C LYS A 235 -11.34 -5.33 -3.96
N ALA A 236 -10.45 -5.66 -3.03
CA ALA A 236 -9.03 -5.76 -3.33
C ALA A 236 -8.84 -6.84 -4.40
N ASP A 237 -7.85 -6.65 -5.28
CA ASP A 237 -7.51 -7.66 -6.29
C ASP A 237 -6.67 -8.80 -5.72
N PHE A 238 -5.88 -8.50 -4.71
CA PHE A 238 -5.09 -9.50 -3.99
C PHE A 238 -4.84 -9.00 -2.56
N TYR A 239 -4.39 -9.90 -1.69
CA TYR A 239 -4.32 -9.63 -0.26
C TYR A 239 -3.00 -10.17 0.28
N GLY A 240 -2.15 -9.28 0.80
CA GLY A 240 -0.87 -9.67 1.40
C GLY A 240 -0.94 -9.55 2.92
N ILE A 241 -0.43 -10.57 3.63
CA ILE A 241 -0.34 -10.51 5.09
C ILE A 241 1.12 -10.46 5.50
N ASN A 242 1.44 -9.52 6.39
CA ASN A 242 2.78 -9.44 6.97
C ASN A 242 2.82 -10.43 8.12
N MET A 243 3.47 -11.56 7.87
CA MET A 243 3.26 -12.80 8.64
C MET A 243 4.54 -13.18 9.38
N TYR A 244 4.51 -13.05 10.71
CA TYR A 244 5.68 -13.33 11.55
C TYR A 244 5.44 -14.42 12.61
N GLU A 245 4.45 -15.27 12.37
CA GLU A 245 4.07 -16.31 13.35
C GLU A 245 5.10 -17.43 13.52
N TRP A 246 5.87 -17.71 12.47
CA TRP A 246 6.86 -18.79 12.48
C TRP A 246 8.21 -18.25 12.91
N CYS A 247 8.62 -18.55 14.15
CA CYS A 247 9.93 -18.13 14.66
C CYS A 247 10.82 -19.34 14.91
N GLY A 248 12.07 -19.26 14.45
CA GLY A 248 13.05 -20.33 14.66
C GLY A 248 12.64 -21.64 14.00
N TYR A 249 12.96 -22.75 14.65
CA TYR A 249 12.64 -24.08 14.12
C TYR A 249 11.24 -24.52 14.53
N SER A 250 10.24 -23.84 13.98
CA SER A 250 8.83 -24.10 14.30
C SER A 250 8.27 -25.18 13.36
N THR A 251 6.96 -25.41 13.41
CA THR A 251 6.29 -26.35 12.50
C THR A 251 4.98 -25.77 11.97
N TYR A 252 4.46 -26.42 10.93
CA TYR A 252 3.19 -26.06 10.29
C TYR A 252 2.04 -25.95 11.30
N GLY A 253 1.94 -26.95 12.19
CA GLY A 253 0.91 -26.97 13.22
C GLY A 253 1.12 -25.97 14.35
N THR A 254 2.32 -25.96 14.92
CA THR A 254 2.59 -25.13 16.12
C THR A 254 2.76 -23.64 15.83
N SER A 255 3.21 -23.29 14.63
CA SER A 255 3.41 -21.88 14.25
C SER A 255 2.11 -21.08 14.20
N GLY A 256 1.02 -21.75 13.80
CA GLY A 256 -0.24 -21.08 13.45
C GLY A 256 -0.52 -21.13 11.96
N TYR A 257 0.48 -21.52 11.16
CA TYR A 257 0.35 -21.62 9.70
C TYR A 257 -0.82 -22.51 9.25
N ARG A 258 -1.05 -23.62 9.96
CA ARG A 258 -2.17 -24.52 9.64
C ARG A 258 -3.53 -23.84 9.84
N GLU A 259 -3.70 -23.13 10.96
CA GLU A 259 -4.95 -22.39 11.23
C GLU A 259 -5.15 -21.23 10.24
N ARG A 260 -4.08 -20.53 9.87
CA ARG A 260 -4.17 -19.46 8.85
C ARG A 260 -4.58 -20.01 7.49
N THR A 261 -3.97 -21.15 7.12
CA THR A 261 -4.25 -21.81 5.85
C THR A 261 -5.71 -22.27 5.76
N LYS A 262 -6.23 -22.82 6.85
CA LYS A 262 -7.65 -23.22 6.91
C LYS A 262 -8.61 -22.02 6.89
N GLU A 263 -8.22 -20.92 7.54
CA GLU A 263 -8.98 -19.67 7.48
C GLU A 263 -9.12 -19.12 6.06
N PHE A 264 -8.04 -19.16 5.28
CA PHE A 264 -8.01 -18.57 3.93
C PHE A 264 -8.34 -19.54 2.78
N GLU A 265 -8.68 -20.79 3.10
CA GLU A 265 -9.11 -21.73 2.07
C GLU A 265 -10.43 -21.24 1.44
N GLY A 266 -10.45 -21.12 0.12
CA GLY A 266 -11.62 -20.61 -0.61
C GLY A 266 -11.78 -19.09 -0.63
N TYR A 267 -10.79 -18.35 -0.12
CA TYR A 267 -10.80 -16.87 -0.18
C TYR A 267 -10.77 -16.49 -1.66
N PRO A 268 -11.62 -15.52 -2.08
CA PRO A 268 -11.87 -15.32 -3.52
C PRO A 268 -10.77 -14.59 -4.32
N ILE A 269 -9.73 -14.08 -3.67
CA ILE A 269 -8.62 -13.40 -4.35
C ILE A 269 -7.27 -13.99 -3.94
N PRO A 270 -6.22 -13.82 -4.77
CA PRO A 270 -4.91 -14.35 -4.38
C PRO A 270 -4.43 -13.81 -3.03
N VAL A 271 -3.84 -14.69 -2.24
CA VAL A 271 -3.35 -14.35 -0.91
C VAL A 271 -1.92 -14.87 -0.77
N PHE A 272 -1.09 -14.10 -0.11
CA PHE A 272 0.32 -14.41 0.06
C PHE A 272 0.87 -13.68 1.27
N PHE A 273 2.10 -14.04 1.67
CA PHE A 273 2.78 -13.33 2.74
C PHE A 273 3.51 -12.13 2.15
N SER A 274 3.01 -10.92 2.36
CA SER A 274 3.66 -9.71 1.85
C SER A 274 4.96 -9.40 2.60
N GLU A 275 5.09 -9.95 3.81
CA GLU A 275 6.34 -10.02 4.56
C GLU A 275 6.37 -11.36 5.31
N PHE A 276 7.56 -11.90 5.50
CA PHE A 276 7.79 -12.95 6.50
C PHE A 276 9.24 -12.93 6.95
N GLY A 277 9.51 -13.56 8.09
CA GLY A 277 10.88 -13.73 8.59
C GLY A 277 11.10 -13.28 10.01
N CYS A 278 10.38 -13.91 10.93
CA CYS A 278 10.58 -13.66 12.37
C CYS A 278 12.04 -13.92 12.71
N ASN A 279 12.65 -12.96 13.42
CA ASN A 279 14.08 -13.01 13.72
C ASN A 279 14.41 -13.33 15.19
N LEU A 280 13.44 -13.90 15.92
CA LEU A 280 13.62 -14.28 17.32
C LEU A 280 14.87 -15.16 17.49
N VAL A 281 14.97 -16.18 16.65
CA VAL A 281 16.11 -17.10 16.61
C VAL A 281 16.96 -16.78 15.39
N ARG A 282 18.27 -16.60 15.60
CA ARG A 282 19.21 -16.29 14.52
C ARG A 282 20.41 -17.27 14.51
N PRO A 283 21.09 -17.43 13.37
CA PRO A 283 20.67 -16.89 12.06
C PRO A 283 19.35 -17.52 11.65
N ARG A 284 18.46 -16.73 11.04
CA ARG A 284 17.14 -17.22 10.65
C ARG A 284 17.28 -18.46 9.76
N PRO A 285 16.73 -19.62 10.21
CA PRO A 285 16.77 -20.78 9.32
C PRO A 285 15.80 -20.72 8.14
N PHE A 286 14.77 -19.89 8.23
CA PHE A 286 13.74 -19.76 7.18
C PHE A 286 13.05 -21.08 6.83
N THR A 287 12.84 -21.95 7.83
CA THR A 287 12.16 -23.23 7.60
C THR A 287 10.68 -23.07 7.26
N GLU A 288 10.09 -21.91 7.56
CA GLU A 288 8.75 -21.56 7.07
C GLU A 288 8.58 -21.67 5.55
N VAL A 289 9.68 -21.47 4.82
CA VAL A 289 9.69 -21.55 3.36
C VAL A 289 9.30 -22.96 2.88
N SER A 290 9.83 -24.00 3.55
CA SER A 290 9.45 -25.38 3.25
C SER A 290 7.94 -25.63 3.40
N ALA A 291 7.35 -25.06 4.45
CA ALA A 291 5.91 -25.16 4.68
C ALA A 291 5.12 -24.37 3.63
N LEU A 292 5.54 -23.14 3.38
CA LEU A 292 4.81 -22.23 2.48
C LEU A 292 4.63 -22.76 1.06
N TYR A 293 5.67 -23.39 0.51
CA TYR A 293 5.62 -23.95 -0.85
C TYR A 293 5.35 -25.45 -0.90
N GLY A 294 5.11 -26.07 0.27
CA GLY A 294 4.67 -27.46 0.35
C GLY A 294 3.25 -27.65 -0.16
N ASN A 295 2.83 -28.90 -0.27
CA ASN A 295 1.56 -29.24 -0.94
C ASN A 295 0.31 -28.71 -0.23
N LYS A 296 0.32 -28.69 1.11
CA LYS A 296 -0.81 -28.18 1.88
C LYS A 296 -1.03 -26.68 1.68
N MET A 297 0.05 -25.90 1.78
CA MET A 297 -0.05 -24.44 1.69
C MET A 297 -0.06 -23.89 0.26
N SER A 298 0.59 -24.59 -0.68
CA SER A 298 0.65 -24.12 -2.08
C SER A 298 -0.70 -24.16 -2.82
N SER A 299 -1.68 -24.90 -2.29
CA SER A 299 -3.05 -24.89 -2.83
C SER A 299 -3.85 -23.67 -2.38
N VAL A 300 -3.41 -23.01 -1.31
CA VAL A 300 -4.06 -21.81 -0.76
C VAL A 300 -3.26 -20.53 -1.03
N TRP A 301 -1.97 -20.53 -0.68
CA TRP A 301 -1.14 -19.33 -0.73
C TRP A 301 -0.38 -19.21 -2.05
N SER A 302 -0.18 -17.97 -2.49
CA SER A 302 0.61 -17.69 -3.70
C SER A 302 2.06 -17.30 -3.40
N GLY A 303 2.61 -17.80 -2.29
CA GLY A 303 4.00 -17.57 -1.92
C GLY A 303 4.16 -16.44 -0.92
N GLY A 304 5.31 -15.77 -0.99
CA GLY A 304 5.61 -14.70 -0.04
C GLY A 304 6.94 -14.01 -0.28
N LEU A 305 7.14 -12.92 0.44
CA LEU A 305 8.35 -12.13 0.35
C LEU A 305 9.03 -12.01 1.72
N ALA A 306 10.30 -12.40 1.79
CA ALA A 306 11.08 -12.28 3.02
C ALA A 306 11.35 -10.81 3.33
N TYR A 307 11.36 -10.46 4.62
CA TYR A 307 11.72 -9.11 5.05
C TYR A 307 13.06 -9.19 5.78
N MET A 308 14.15 -8.60 5.27
CA MET A 308 14.26 -7.93 3.97
C MET A 308 15.71 -8.04 3.47
N TYR A 309 16.00 -7.45 2.32
CA TYR A 309 17.36 -7.42 1.76
C TYR A 309 18.39 -6.68 2.64
N PHE A 310 18.22 -5.36 2.82
CA PHE A 310 19.16 -4.53 3.57
C PHE A 310 19.07 -4.68 5.09
N GLU A 311 20.23 -4.80 5.74
CA GLU A 311 20.35 -4.73 7.20
C GLU A 311 20.38 -3.26 7.61
N GLU A 312 19.49 -2.87 8.52
CA GLU A 312 19.39 -1.47 8.94
C GLU A 312 19.25 -1.35 10.46
N GLU A 313 20.23 -1.92 11.17
CA GLU A 313 20.30 -1.89 12.64
C GLU A 313 19.06 -2.52 13.31
N ASN A 314 18.42 -3.43 12.59
CA ASN A 314 17.16 -4.06 13.01
C ASN A 314 17.20 -5.59 13.02
N GLU A 315 18.35 -6.16 12.64
CA GLU A 315 18.53 -7.61 12.48
C GLU A 315 17.48 -8.28 11.56
N TYR A 316 17.08 -7.59 10.49
CA TYR A 316 16.18 -8.16 9.47
C TYR A 316 16.81 -8.32 8.07
N GLY A 317 18.03 -7.81 7.88
CA GLY A 317 18.70 -7.90 6.58
C GLY A 317 19.33 -9.25 6.30
N VAL A 318 19.53 -9.54 5.01
CA VAL A 318 20.38 -10.67 4.58
C VAL A 318 21.73 -10.22 4.01
N VAL A 319 21.87 -8.91 3.72
CA VAL A 319 23.17 -8.30 3.45
C VAL A 319 23.30 -6.99 4.21
N LYS A 320 24.53 -6.55 4.41
CA LYS A 320 24.85 -5.25 5.00
C LYS A 320 25.69 -4.48 3.99
N ILE A 321 25.33 -3.22 3.74
CA ILE A 321 26.13 -2.33 2.89
C ILE A 321 27.20 -1.67 3.76
N ASN A 322 28.47 -1.93 3.45
CA ASN A 322 29.60 -1.38 4.24
C ASN A 322 29.86 0.12 3.96
N ASP A 323 30.85 0.69 4.63
CA ASP A 323 31.24 2.10 4.42
C ASP A 323 31.80 2.41 3.02
N ASN A 324 32.27 1.37 2.32
CA ASN A 324 32.73 1.48 0.93
C ASN A 324 31.61 1.21 -0.11
N ASP A 325 30.35 1.17 0.34
CA ASP A 325 29.17 0.90 -0.50
C ASP A 325 29.15 -0.48 -1.19
N GLY A 326 29.92 -1.43 -0.67
CA GLY A 326 29.94 -2.81 -1.15
C GLY A 326 28.98 -3.68 -0.34
N VAL A 327 28.66 -4.85 -0.88
CA VAL A 327 27.72 -5.78 -0.27
C VAL A 327 28.46 -6.83 0.57
N ASP A 328 28.18 -6.84 1.88
CA ASP A 328 28.63 -7.91 2.77
C ASP A 328 27.48 -8.86 3.05
N ILE A 329 27.64 -10.12 2.66
CA ILE A 329 26.63 -11.15 2.87
C ILE A 329 26.59 -11.55 4.35
N LEU A 330 25.38 -11.64 4.91
CA LEU A 330 25.18 -11.95 6.33
C LEU A 330 24.75 -13.41 6.50
N PRO A 331 24.84 -13.97 7.73
CA PRO A 331 24.52 -15.40 7.97
C PRO A 331 23.14 -15.91 7.50
N ASP A 332 22.13 -15.04 7.49
CA ASP A 332 20.78 -15.38 7.00
C ASP A 332 20.72 -15.72 5.50
N PHE A 333 21.61 -15.10 4.71
CA PHE A 333 21.59 -15.20 3.24
C PHE A 333 21.58 -16.65 2.74
N LYS A 334 22.55 -17.44 3.19
CA LYS A 334 22.68 -18.84 2.74
C LYS A 334 21.46 -19.70 3.09
N ASN A 335 20.83 -19.43 4.23
CA ASN A 335 19.63 -20.16 4.65
C ASN A 335 18.43 -19.84 3.78
N LEU A 336 18.22 -18.56 3.48
CA LEU A 336 17.15 -18.16 2.56
C LEU A 336 17.41 -18.69 1.15
N LYS A 337 18.65 -18.56 0.69
CA LYS A 337 19.08 -19.10 -0.62
C LYS A 337 18.79 -20.61 -0.73
N LYS A 338 19.23 -21.37 0.28
CA LYS A 338 19.00 -22.82 0.29
C LYS A 338 17.52 -23.18 0.32
N GLU A 339 16.74 -22.46 1.13
CA GLU A 339 15.32 -22.72 1.28
C GLU A 339 14.51 -22.40 0.01
N PHE A 340 14.79 -21.27 -0.64
CA PHE A 340 14.15 -20.94 -1.93
C PHE A 340 14.52 -21.93 -3.04
N ALA A 341 15.75 -22.43 -3.02
CA ALA A 341 16.22 -23.41 -4.02
C ALA A 341 15.48 -24.75 -3.93
N LYS A 342 15.26 -25.22 -2.70
CA LYS A 342 14.47 -26.45 -2.45
C LYS A 342 12.98 -26.30 -2.76
N ALA A 343 12.45 -25.09 -2.59
CA ALA A 343 11.03 -24.82 -2.79
C ALA A 343 10.62 -25.08 -4.25
N ASP A 344 9.61 -25.93 -4.42
CA ASP A 344 9.13 -26.36 -5.73
C ASP A 344 7.60 -26.49 -5.66
N PRO A 345 6.88 -25.36 -5.61
CA PRO A 345 5.44 -25.41 -5.39
C PRO A 345 4.68 -26.13 -6.50
N LYS A 346 3.85 -27.09 -6.12
CA LYS A 346 2.94 -27.76 -7.06
C LYS A 346 1.74 -26.84 -7.26
N GLY A 347 1.66 -26.24 -8.44
CA GLY A 347 0.55 -25.38 -8.80
C GLY A 347 -0.42 -26.12 -9.71
N ILE A 348 -1.30 -25.35 -10.33
CA ILE A 348 -2.20 -25.83 -11.36
C ILE A 348 -2.14 -24.87 -12.53
N THR A 349 -2.41 -25.38 -13.73
CA THR A 349 -2.39 -24.56 -14.93
C THR A 349 -3.70 -23.78 -15.05
N GLU A 350 -3.67 -22.71 -15.83
CA GLU A 350 -4.83 -21.84 -16.00
C GLU A 350 -6.02 -22.57 -16.65
N GLU A 351 -5.73 -23.48 -17.59
CA GLU A 351 -6.77 -24.21 -18.30
C GLU A 351 -7.55 -25.16 -17.39
N GLU A 352 -6.85 -25.92 -16.55
CA GLU A 352 -7.50 -26.85 -15.61
C GLU A 352 -8.19 -26.13 -14.45
N TYR A 353 -7.68 -24.97 -14.04
CA TYR A 353 -8.32 -24.15 -13.01
C TYR A 353 -9.68 -23.62 -13.48
N LEU A 354 -9.75 -23.10 -14.71
CA LEU A 354 -11.00 -22.62 -15.30
C LEU A 354 -12.07 -23.72 -15.35
N THR A 355 -11.61 -24.96 -15.56
CA THR A 355 -12.45 -26.14 -15.36
C THR A 355 -12.59 -26.42 -13.87
N SER A 364 -21.52 -11.86 -4.10
CA SER A 364 -21.22 -10.79 -3.16
C SER A 364 -21.12 -11.34 -1.75
N VAL A 365 -20.06 -10.94 -1.03
CA VAL A 365 -19.83 -11.41 0.36
C VAL A 365 -20.24 -10.29 1.33
N GLU A 366 -20.81 -10.71 2.46
CA GLU A 366 -21.36 -9.78 3.44
C GLU A 366 -20.24 -9.08 4.20
N CYS A 367 -20.38 -7.77 4.38
CA CYS A 367 -19.41 -7.01 5.17
C CYS A 367 -19.61 -7.32 6.66
N PRO A 368 -18.51 -7.33 7.45
CA PRO A 368 -18.67 -7.58 8.89
C PRO A 368 -19.56 -6.55 9.57
N HIS A 369 -20.43 -7.01 10.46
CA HIS A 369 -21.31 -6.11 11.21
C HIS A 369 -20.51 -5.25 12.18
N ILE A 370 -21.05 -4.06 12.46
CA ILE A 370 -20.44 -3.11 13.37
C ILE A 370 -20.66 -3.57 14.81
N ALA A 371 -19.59 -3.54 15.60
CA ALA A 371 -19.65 -3.85 17.03
C ALA A 371 -18.68 -2.92 17.76
N VAL A 372 -19.20 -2.13 18.71
CA VAL A 372 -18.42 -1.07 19.36
C VAL A 372 -17.18 -1.68 20.04
N GLY A 373 -16.02 -1.10 19.76
CA GLY A 373 -14.75 -1.57 20.30
C GLY A 373 -14.16 -2.80 19.66
N VAL A 374 -14.80 -3.32 18.61
CA VAL A 374 -14.39 -4.55 17.94
C VAL A 374 -14.21 -4.29 16.45
N TRP A 375 -15.29 -3.88 15.79
CA TRP A 375 -15.25 -3.58 14.36
C TRP A 375 -16.13 -2.38 14.05
N GLU A 376 -15.51 -1.34 13.47
CA GLU A 376 -16.15 -0.03 13.30
C GLU A 376 -15.92 0.54 11.90
N ALA A 377 -15.85 -0.34 10.89
CA ALA A 377 -15.68 0.07 9.49
C ALA A 377 -17.03 -0.01 8.78
N ASN A 378 -17.57 1.14 8.39
CA ASN A 378 -18.83 1.18 7.64
C ASN A 378 -18.63 0.62 6.23
N GLU A 379 -19.66 -0.06 5.71
CA GLU A 379 -19.65 -0.49 4.31
C GLU A 379 -19.64 0.70 3.34
N LYS A 380 -20.30 1.79 3.73
CA LYS A 380 -20.36 3.00 2.91
C LYS A 380 -19.00 3.68 2.87
N LEU A 381 -18.51 3.93 1.65
CA LEU A 381 -17.17 4.45 1.43
C LEU A 381 -17.21 5.92 1.05
N PRO A 382 -16.12 6.67 1.33
CA PRO A 382 -16.07 8.04 0.84
C PRO A 382 -16.06 8.11 -0.69
N GLU A 383 -16.54 9.23 -1.23
CA GLU A 383 -16.60 9.43 -2.68
C GLU A 383 -15.21 9.62 -3.28
N THR A 384 -15.14 9.49 -4.60
CA THR A 384 -13.89 9.69 -5.33
C THR A 384 -13.47 11.15 -5.18
N PRO A 385 -12.22 11.41 -4.72
CA PRO A 385 -11.77 12.80 -4.61
C PRO A 385 -11.84 13.54 -5.94
N ASP A 386 -12.36 14.77 -5.89
CA ASP A 386 -12.67 15.57 -7.07
C ASP A 386 -11.68 16.75 -7.14
N ARG A 387 -10.62 16.57 -7.94
CA ARG A 387 -9.54 17.56 -8.04
C ARG A 387 -10.02 18.92 -8.55
N SER A 388 -10.98 18.92 -9.49
CA SER A 388 -11.52 20.16 -10.08
C SER A 388 -12.35 20.97 -9.09
N LYS A 389 -13.25 20.30 -8.38
CA LYS A 389 -14.07 20.90 -7.34
C LYS A 389 -13.18 21.55 -6.27
N CYS A 390 -12.21 20.78 -5.78
CA CYS A 390 -11.29 21.26 -4.76
C CYS A 390 -10.37 22.36 -5.31
N ALA A 391 -9.95 22.24 -6.57
CA ALA A 391 -9.17 23.30 -7.23
C ALA A 391 -9.96 24.61 -7.39
N CYS A 392 -11.28 24.52 -7.55
CA CYS A 392 -12.16 25.70 -7.56
C CYS A 392 -12.10 26.51 -6.27
N LEU A 393 -11.91 25.85 -5.13
CA LEU A 393 -11.70 26.55 -3.85
C LEU A 393 -10.47 27.46 -3.88
N ASP A 394 -9.40 27.01 -4.54
CA ASP A 394 -8.19 27.82 -4.72
C ASP A 394 -8.47 29.12 -5.49
N GLU A 395 -9.40 29.06 -6.45
CA GLU A 395 -9.80 30.23 -7.24
C GLU A 395 -10.76 31.18 -6.51
N ILE A 396 -11.82 30.63 -5.91
CA ILE A 396 -12.96 31.44 -5.44
C ILE A 396 -12.93 31.91 -3.99
N LEU A 397 -12.21 31.21 -3.11
CA LEU A 397 -12.24 31.52 -1.67
C LEU A 397 -11.52 32.84 -1.37
N PRO A 398 -12.14 33.71 -0.55
CA PRO A 398 -11.50 34.99 -0.21
C PRO A 398 -10.25 34.84 0.67
N CYS A 399 -10.28 33.87 1.60
CA CYS A 399 -9.18 33.66 2.54
C CYS A 399 -8.54 32.29 2.36
N GLU A 400 -7.22 32.29 2.16
CA GLU A 400 -6.46 31.08 1.85
C GLU A 400 -5.33 30.92 2.86
N ILE A 401 -4.85 29.68 3.00
CA ILE A 401 -3.70 29.39 3.84
C ILE A 401 -2.72 28.48 3.09
N VAL A 402 -1.44 28.87 3.07
CA VAL A 402 -0.40 28.05 2.43
C VAL A 402 -0.02 26.91 3.38
N PRO A 403 0.36 25.74 2.85
CA PRO A 403 0.75 24.57 3.65
C PRO A 403 1.76 24.86 4.77
N GLY A 409 1.50 20.92 13.86
CA GLY A 409 1.03 21.62 15.05
C GLY A 409 -0.01 22.69 14.73
N LYS A 410 0.29 23.50 13.71
CA LYS A 410 -0.61 24.57 13.24
C LYS A 410 -2.03 24.10 12.87
N TYR A 411 -2.14 22.91 12.26
CA TYR A 411 -3.44 22.39 11.79
C TYR A 411 -4.40 22.08 12.92
N GLU A 412 -3.92 21.38 13.95
CA GLU A 412 -4.74 21.04 15.13
C GLU A 412 -5.27 22.28 15.84
N GLU A 413 -4.39 23.26 16.06
CA GLU A 413 -4.77 24.53 16.70
C GLU A 413 -5.76 25.33 15.86
N TYR A 414 -5.49 25.43 14.56
CA TYR A 414 -6.32 26.21 13.65
C TYR A 414 -7.69 25.57 13.38
N PHE A 415 -7.73 24.24 13.25
CA PHE A 415 -9.00 23.52 13.12
C PHE A 415 -9.82 23.63 14.41
N SER A 416 -9.17 23.41 15.56
CA SER A 416 -9.82 23.61 16.87
C SER A 416 -10.42 25.01 17.00
N TYR A 417 -9.65 26.04 16.65
CA TYR A 417 -10.11 27.43 16.72
C TYR A 417 -11.27 27.71 15.75
N LEU A 418 -11.05 27.47 14.46
CA LEU A 418 -12.05 27.80 13.45
C LEU A 418 -13.35 27.00 13.55
N CYS A 419 -13.25 25.72 13.91
CA CYS A 419 -14.43 24.86 14.04
C CYS A 419 -15.29 25.11 15.29
N SER A 420 -14.81 25.92 16.23
CA SER A 420 -15.66 26.44 17.32
C SER A 420 -16.45 27.69 16.90
N LYS A 421 -16.05 28.33 15.80
CA LYS A 421 -16.72 29.53 15.28
C LYS A 421 -17.65 29.27 14.10
N VAL A 422 -17.30 28.30 13.25
CA VAL A 422 -18.14 27.87 12.13
C VAL A 422 -18.36 26.35 12.15
N ASP A 423 -19.35 25.90 11.40
CA ASP A 423 -19.71 24.48 11.32
C ASP A 423 -18.77 23.78 10.33
N CYS A 424 -17.91 22.92 10.86
CA CYS A 424 -16.93 22.17 10.03
C CYS A 424 -17.42 20.81 9.51
N SER A 425 -18.71 20.53 9.64
CA SER A 425 -19.28 19.27 9.13
C SER A 425 -18.89 18.97 7.69
N ASP A 426 -18.88 20.01 6.84
CA ASP A 426 -18.54 19.86 5.42
C ASP A 426 -17.12 19.33 5.11
N ILE A 427 -16.23 19.32 6.09
CA ILE A 427 -14.87 18.75 5.90
C ILE A 427 -14.60 17.49 6.73
N LEU A 428 -15.58 17.05 7.53
CA LEU A 428 -15.43 15.88 8.38
C LEU A 428 -15.71 14.61 7.60
N ALA A 429 -14.99 13.55 7.94
CA ALA A 429 -15.17 12.23 7.34
C ALA A 429 -15.18 11.21 8.46
N ASN A 430 -16.27 10.45 8.56
CA ASN A 430 -16.44 9.48 9.63
C ASN A 430 -16.63 8.07 9.05
N GLY A 431 -15.57 7.26 9.15
CA GLY A 431 -15.58 5.90 8.65
C GLY A 431 -16.43 4.93 9.44
N LYS A 432 -16.78 5.29 10.68
CA LYS A 432 -17.68 4.49 11.52
C LYS A 432 -19.14 4.63 11.07
N THR A 433 -19.58 5.87 10.93
CA THR A 433 -20.97 6.18 10.58
C THR A 433 -21.22 6.25 9.08
N GLY A 434 -20.15 6.32 8.27
CA GLY A 434 -20.30 6.42 6.83
C GLY A 434 -20.83 7.78 6.38
N GLU A 435 -20.51 8.83 7.14
CA GLU A 435 -20.91 10.20 6.85
C GLU A 435 -19.69 10.96 6.41
N TYR A 436 -19.70 11.46 5.18
CA TYR A 436 -18.54 12.11 4.57
C TYR A 436 -18.95 13.47 4.04
N GLY A 437 -18.36 14.53 4.59
CA GLY A 437 -18.73 15.89 4.20
C GLY A 437 -18.43 16.21 2.76
N GLU A 438 -19.15 17.19 2.21
CA GLU A 438 -19.04 17.58 0.81
C GLU A 438 -17.62 17.95 0.36
N PHE A 439 -16.83 18.55 1.25
CA PHE A 439 -15.45 18.92 0.93
C PHE A 439 -14.42 18.14 1.75
N SER A 440 -14.82 16.98 2.28
CA SER A 440 -13.92 16.12 3.05
C SER A 440 -12.84 15.46 2.18
N ASP A 441 -13.03 15.47 0.86
CA ASP A 441 -12.04 14.98 -0.11
C ASP A 441 -11.00 16.01 -0.55
N CYS A 442 -11.10 17.25 -0.09
CA CYS A 442 -10.10 18.27 -0.44
C CYS A 442 -8.86 18.16 0.45
N SER A 443 -7.81 18.88 0.08
CA SER A 443 -6.56 18.84 0.84
C SER A 443 -6.73 19.52 2.19
N VAL A 444 -5.83 19.24 3.13
CA VAL A 444 -5.93 19.80 4.48
C VAL A 444 -5.94 21.35 4.46
N GLU A 445 -5.13 21.96 3.60
CA GLU A 445 -5.08 23.44 3.52
C GLU A 445 -6.31 24.01 2.82
N GLN A 446 -6.85 23.30 1.83
CA GLN A 446 -8.12 23.67 1.21
C GLN A 446 -9.27 23.64 2.24
N LYS A 447 -9.30 22.59 3.06
CA LYS A 447 -10.30 22.44 4.11
C LYS A 447 -10.22 23.57 5.12
N LEU A 448 -9.00 23.89 5.54
CA LEU A 448 -8.74 24.98 6.49
C LEU A 448 -9.14 26.33 5.88
N SER A 449 -8.77 26.56 4.63
CA SER A 449 -9.12 27.78 3.89
C SER A 449 -10.63 28.00 3.77
N LEU A 450 -11.36 26.91 3.51
CA LEU A 450 -12.82 26.97 3.45
C LEU A 450 -13.42 27.51 4.76
N GLN A 451 -12.95 26.97 5.88
CA GLN A 451 -13.46 27.37 7.20
C GLN A 451 -13.08 28.82 7.53
N LEU A 452 -11.84 29.20 7.24
CA LEU A 452 -11.40 30.60 7.42
C LEU A 452 -12.24 31.57 6.59
N SER A 453 -12.52 31.19 5.35
CA SER A 453 -13.37 31.99 4.45
C SER A 453 -14.82 32.08 4.92
N LYS A 454 -15.35 30.97 5.45
CA LYS A 454 -16.69 30.99 6.05
C LYS A 454 -16.77 31.98 7.23
N LEU A 455 -15.74 32.01 8.07
CA LEU A 455 -15.65 32.96 9.18
C LEU A 455 -15.55 34.41 8.69
N TYR A 456 -14.78 34.64 7.64
CA TYR A 456 -14.66 35.97 7.00
C TYR A 456 -16.01 36.48 6.49
N CYS A 457 -16.74 35.61 5.80
CA CYS A 457 -18.08 35.96 5.30
C CYS A 457 -19.12 36.11 6.43
N LYS A 458 -18.95 35.34 7.52
CA LYS A 458 -19.82 35.42 8.70
C LYS A 458 -19.68 36.77 9.42
N ILE A 459 -18.46 37.26 9.54
CA ILE A 459 -18.21 38.59 10.12
C ILE A 459 -18.75 39.68 9.19
N GLY A 460 -18.45 39.55 7.90
CA GLY A 460 -18.99 40.45 6.88
C GLY A 460 -18.41 41.85 6.87
N ALA A 461 -17.16 41.99 7.32
CA ALA A 461 -16.46 43.28 7.30
C ALA A 461 -16.12 43.70 5.87
N ASN A 462 -15.81 42.71 5.02
CA ASN A 462 -15.64 42.92 3.57
C ASN A 462 -14.46 43.84 3.26
N ASP A 463 -13.40 43.72 4.06
CA ASP A 463 -12.26 44.65 4.04
C ASP A 463 -10.91 43.96 3.75
N ARG A 464 -10.98 42.75 3.18
CA ARG A 464 -9.79 41.95 2.83
C ARG A 464 -8.89 41.55 4.02
N HIS A 465 -9.43 41.57 5.23
CA HIS A 465 -8.68 41.21 6.44
C HIS A 465 -9.18 39.86 6.94
N CYS A 466 -8.45 38.80 6.62
CA CYS A 466 -8.83 37.44 7.00
C CYS A 466 -8.66 37.23 8.51
N PRO A 467 -9.67 36.63 9.18
CA PRO A 467 -9.69 36.60 10.65
C PRO A 467 -8.83 35.49 11.30
N LEU A 468 -7.53 35.47 10.96
CA LEU A 468 -6.57 34.55 11.59
C LEU A 468 -5.16 35.12 11.44
N ASN A 469 -4.51 35.41 12.58
CA ASN A 469 -3.16 35.98 12.61
C ASN A 469 -2.09 34.91 12.41
N ASP A 470 -1.62 34.79 11.17
CA ASP A 470 -0.56 33.85 10.83
C ASP A 470 0.03 34.27 9.48
N LYS A 471 1.35 34.17 9.35
CA LYS A 471 2.04 34.50 8.09
C LYS A 471 1.55 33.69 6.87
N ASN A 472 1.11 32.45 7.11
CA ASN A 472 0.58 31.59 6.03
C ASN A 472 -0.80 31.99 5.49
N VAL A 473 -1.53 32.82 6.24
CA VAL A 473 -2.84 33.32 5.82
C VAL A 473 -2.67 34.48 4.83
N TYR A 474 -3.46 34.48 3.75
CA TYR A 474 -3.47 35.61 2.81
C TYR A 474 -4.85 35.79 2.16
N PHE A 475 -5.18 37.04 1.85
CA PHE A 475 -6.39 37.33 1.08
C PHE A 475 -6.13 36.98 -0.39
N ASN A 476 -7.07 36.24 -0.98
CA ASN A 476 -6.95 35.74 -2.34
C ASN A 476 -7.56 36.75 -3.31
N LEU A 477 -6.70 37.44 -4.07
CA LEU A 477 -7.17 38.46 -5.01
C LEU A 477 -7.99 37.90 -6.19
N GLU A 478 -7.77 36.62 -6.53
CA GLU A 478 -8.58 35.95 -7.55
C GLU A 478 -10.07 35.82 -7.16
N SER A 479 -10.37 35.81 -5.86
CA SER A 479 -11.75 35.78 -5.37
C SER A 479 -12.60 36.98 -5.83
N LEU A 480 -11.93 38.11 -6.07
CA LEU A 480 -12.59 39.32 -6.55
C LEU A 480 -12.99 39.29 -8.04
N GLN A 481 -12.33 38.44 -8.83
CA GLN A 481 -12.52 38.40 -10.29
C GLN A 481 -13.78 37.59 -10.64
N PRO A 482 -14.83 38.25 -11.18
CA PRO A 482 -16.09 37.55 -11.43
C PRO A 482 -16.05 36.73 -12.72
N CYS A 489 -17.31 25.88 -12.85
CA CYS A 489 -16.66 26.24 -11.58
C CYS A 489 -17.41 27.37 -10.88
C2 BGC B . 3.22 -17.28 17.92
C3 BGC B . 4.13 -16.24 17.26
C4 BGC B . 5.22 -15.91 18.28
C5 BGC B . 6.09 -17.17 18.40
C6 BGC B . 7.24 -16.99 19.38
C1 BGC B . 4.09 -18.55 18.03
O1 BGC B . 3.34 -19.63 18.62
O2 BGC B . 2.05 -17.59 17.17
O3 BGC B . 3.53 -15.11 16.58
O4 BGC B . 6.00 -14.77 17.88
O5 BGC B . 5.28 -18.29 18.81
O6 BGC B . 8.02 -18.19 19.46
C2 BGC B . 2.35 -13.13 16.18
C3 BGC B . 1.06 -12.31 16.26
C4 BGC B . -0.13 -13.23 16.06
C5 BGC B . -0.06 -14.36 17.09
C6 BGC B . -1.29 -15.27 17.07
C1 BGC B . 2.34 -14.41 17.03
O2 BGC B . 3.45 -12.29 16.55
O3 BGC B . 1.07 -11.31 15.23
O4 BGC B . -1.35 -12.50 16.14
O5 BGC B . 1.12 -15.13 16.84
O6 BGC B . -1.40 -16.04 15.87
C2 BGC B . 1.38 -9.04 14.53
C3 BGC B . 1.46 -7.58 14.98
C4 BGC B . 0.40 -7.24 16.01
C5 BGC B . 0.39 -8.26 17.15
C6 BGC B . -0.72 -7.98 18.14
C1 BGC B . 1.28 -9.97 15.73
O2 BGC B . 2.52 -9.38 13.72
O3 BGC B . 1.27 -6.75 13.82
O4 BGC B . 0.64 -5.92 16.53
O5 BGC B . 0.22 -9.56 16.58
O6 BGC B . -0.72 -9.01 19.13
C4 9PK C . 4.01 3.70 4.28
C5 9PK C . 4.53 2.30 3.98
C6 9PK C . 4.58 2.10 2.47
C3 9PK C . 3.97 3.91 5.78
CBT 9PK C . 7.57 -6.29 14.36
CBS 9PK C . 6.54 -6.62 15.18
CBR 9PK C . 5.62 -7.40 14.63
SBQ 9PK C . 6.09 -7.72 13.07
CBP 9PK C . 7.45 -6.84 13.14
CBN 9PK C . 8.45 -6.66 11.99
OBO 9PK C . 8.03 -5.57 11.17
CBM 9PK C . 8.93 -5.44 10.07
CBL 9PK C . 8.81 -4.03 9.48
CBH 9PK C . 8.54 -3.74 8.22
NBK 9PK C . 8.95 -2.90 10.14
NBJ 9PK C . 8.79 -1.98 9.35
NBI 9PK C . 8.54 -2.41 8.20
CAG 9PK C . 8.29 -1.58 6.99
CAK 9PK C . 7.72 -0.22 7.39
OBA 9PK C . 6.50 -0.40 8.11
OAY 9PK C . 9.51 -1.39 6.28
CAI 9PK C . 9.24 -0.73 5.04
CAJ 9PK C . 10.53 -0.65 4.20
OBB 9PK C . 11.62 -0.29 5.04
CAH 9PK C . 8.74 0.68 5.31
OAZ 9PK C . 8.46 1.34 4.07
CAL 9PK C . 7.47 0.61 6.14
O1 9PK C . 7.07 1.93 6.52
C1 9PK C . 5.77 2.22 5.96
C2 9PK C . 5.33 3.61 6.39
O2 9PK C . 5.25 3.67 7.81
O5 9PK C . 5.85 2.15 4.53
O6 9PK C . 5.36 3.15 1.87
O4 9PK C . 2.70 3.85 3.74
O3 9PK C . 3.61 5.27 6.07
CAM 9PK C . 2.67 5.30 7.16
OBD 9PK C . 1.45 4.66 6.77
CAO 9PK C . 0.56 4.58 7.89
CAP 9PK C . -0.68 3.79 7.49
OBG 9PK C . -1.18 4.26 6.24
CAN 9PK C . 0.15 5.98 8.31
OBE 9PK C . -0.72 5.90 9.44
CAR 9PK C . 1.40 6.78 8.70
OBC 9PK C . 1.03 8.14 8.97
CAQ 9PK C . 2.39 6.75 7.54
OBF 9PK C . 3.62 7.38 7.96
C1 EDO D . 15.81 -15.86 -11.01
O1 EDO D . 16.16 -15.16 -9.81
C2 EDO D . 14.33 -15.63 -11.35
O2 EDO D . 13.56 -16.79 -11.03
C1 EDO E . -2.43 7.92 -20.17
O1 EDO E . -2.64 6.54 -19.85
C2 EDO E . -3.75 8.67 -20.08
O2 EDO E . -4.11 9.22 -21.36
C1 EDO F . 1.28 -1.93 -22.78
O1 EDO F . 1.60 -1.94 -21.39
C2 EDO F . -0.21 -1.75 -22.96
O2 EDO F . -0.93 -2.74 -22.22
C1 EDO G . -4.10 -2.42 -22.65
O1 EDO G . -3.25 -1.26 -22.53
C2 EDO G . -5.04 -2.47 -21.46
O2 EDO G . -5.77 -3.71 -21.45
C1 EDO H . 3.58 -31.29 13.95
O1 EDO H . 4.51 -30.61 14.81
C2 EDO H . 2.55 -30.28 13.43
O2 EDO H . 2.88 -29.85 12.10
C1 EDO I . 24.38 -4.25 11.70
O1 EDO I . 23.14 -4.69 12.27
C2 EDO I . 24.44 -2.73 11.75
O2 EDO I . 23.33 -2.18 11.02
C1 EDO J . -17.74 7.22 -5.89
O1 EDO J . -17.50 8.61 -6.09
C2 EDO J . -17.14 6.41 -7.04
O2 EDO J . -18.08 5.41 -7.47
C1 EDO K . -17.15 13.00 0.30
O1 EDO K . -17.32 11.61 0.02
C2 EDO K . -16.66 13.76 -0.92
O2 EDO K . -17.77 14.14 -1.74
C1 EDO L . -21.81 18.79 4.68
O1 EDO L . -21.08 18.65 3.46
C2 EDO L . -21.62 17.52 5.49
O2 EDO L . -22.38 17.56 6.69
S SO4 M . 1.93 2.54 -21.20
O1 SO4 M . 0.69 3.27 -21.56
O2 SO4 M . 2.01 2.44 -19.72
O3 SO4 M . 3.11 3.26 -21.71
O4 SO4 M . 1.89 1.19 -21.79
S SO4 N . -3.89 -31.30 7.91
O1 SO4 N . -4.90 -30.35 8.44
O2 SO4 N . -3.83 -32.50 8.76
O3 SO4 N . -2.56 -30.65 7.88
O4 SO4 N . -4.27 -31.69 6.53
#